data_8CKG
#
_entry.id   8CKG
#
_cell.length_a   105.081
_cell.length_b   29.286
_cell.length_c   90.429
_cell.angle_alpha   90.00
_cell.angle_beta   100.46
_cell.angle_gamma   90.00
#
_symmetry.space_group_name_H-M   'C 1 2 1'
#
loop_
_entity.id
_entity.type
_entity.pdbx_description
1 polymer Semaphorin-5A
2 non-polymer 'SULFATE ION'
3 non-polymer alpha-D-mannopyranose
4 water water
#
_entity_poly.entity_id   1
_entity_poly.type   'polypeptide(L)'
_entity_poly.pdbx_seq_one_letter_code
;ETGPHMFWTGWGPWERCTAQCGGGIQARRRICENGPDCAGCNVEYQSCNTNPCPELKKTTPWTPWTPVNISDNGGHYEQR
FRYTCKARLADPNLLEVGRQRIEMRYCSSDGTSGCSTGTLEVLFQ
;
_entity_poly.pdbx_strand_id   A,B
#
loop_
_chem_comp.id
_chem_comp.type
_chem_comp.name
_chem_comp.formula
MAN D-saccharide, alpha linking alpha-D-mannopyranose 'C6 H12 O6'
SO4 non-polymer 'SULFATE ION' 'O4 S -2'
#
# COMPACT_ATOMS: atom_id res chain seq x y z
N MET A 6 34.68 27.98 17.34
CA MET A 6 33.65 27.03 16.90
C MET A 6 32.26 27.64 16.87
N PHE A 7 31.65 27.71 15.69
CA PHE A 7 30.29 28.22 15.54
C PHE A 7 29.58 27.41 14.47
N TRP A 8 28.29 27.18 14.67
CA TRP A 8 27.50 26.50 13.65
C TRP A 8 27.34 27.40 12.42
N THR A 9 27.24 26.77 11.26
CA THR A 9 26.69 27.47 10.12
C THR A 9 25.17 27.50 10.23
N GLY A 10 24.53 28.28 9.37
CA GLY A 10 23.09 28.24 9.29
C GLY A 10 22.60 26.87 8.86
N TRP A 11 21.37 26.56 9.21
CA TRP A 11 20.78 25.28 8.82
C TRP A 11 20.69 25.17 7.31
N GLY A 12 21.01 23.99 6.77
CA GLY A 12 20.77 23.69 5.39
C GLY A 12 19.30 23.40 5.15
N PRO A 13 18.91 23.30 3.87
CA PRO A 13 17.50 23.07 3.56
C PRO A 13 17.06 21.67 3.94
N TRP A 14 15.75 21.50 4.14
CA TRP A 14 15.21 20.18 4.42
C TRP A 14 15.47 19.23 3.25
N GLU A 15 15.98 18.04 3.55
CA GLU A 15 16.21 17.02 2.56
C GLU A 15 14.88 16.44 2.04
N ARG A 16 14.97 15.62 1.00
CA ARG A 16 13.78 15.03 0.41
C ARG A 16 13.03 14.21 1.45
N CYS A 17 11.70 14.34 1.43
CA CYS A 17 10.87 13.55 2.32
C CYS A 17 11.01 12.05 2.01
N THR A 18 11.06 11.23 3.05
CA THR A 18 11.19 9.79 2.85
C THR A 18 9.93 9.15 2.29
N ALA A 19 8.80 9.86 2.32
CA ALA A 19 7.55 9.34 1.78
C ALA A 19 6.88 10.41 0.93
N GLN A 20 6.10 9.97 -0.06
CA GLN A 20 5.28 10.87 -0.85
C GLN A 20 3.92 11.13 -0.22
N CYS A 21 3.48 10.25 0.66
CA CYS A 21 2.18 10.35 1.31
C CYS A 21 2.21 9.50 2.56
N GLY A 22 1.17 9.64 3.38
CA GLY A 22 1.05 8.78 4.54
C GLY A 22 2.01 9.07 5.67
N GLY A 23 2.79 10.15 5.57
CA GLY A 23 3.67 10.54 6.65
C GLY A 23 5.06 9.98 6.47
N GLY A 24 6.00 10.86 6.15
CA GLY A 24 7.42 10.52 6.13
C GLY A 24 8.21 11.47 7.00
N ILE A 25 9.53 11.48 6.84
CA ILE A 25 10.39 12.39 7.59
C ILE A 25 11.40 13.03 6.64
N GLN A 26 11.92 14.18 7.07
CA GLN A 26 12.97 14.88 6.35
C GLN A 26 13.93 15.47 7.37
N ALA A 27 15.19 15.65 6.94
CA ALA A 27 16.22 16.18 7.81
C ALA A 27 16.79 17.47 7.24
N ARG A 28 17.26 18.33 8.15
CA ARG A 28 18.03 19.52 7.84
C ARG A 28 19.35 19.40 8.58
N ARG A 29 20.41 20.01 8.04
CA ARG A 29 21.74 19.83 8.60
C ARG A 29 22.48 21.15 8.62
N ARG A 30 23.51 21.20 9.46
CA ARG A 30 24.45 22.31 9.55
C ARG A 30 25.78 21.78 10.09
N ILE A 31 26.83 22.58 9.93
CA ILE A 31 28.19 22.13 10.22
C ILE A 31 28.81 23.03 11.28
N CYS A 32 29.52 22.41 12.21
CA CYS A 32 30.26 23.15 13.23
C CYS A 32 31.64 23.50 12.68
N GLU A 33 31.83 24.76 12.30
CA GLU A 33 33.10 25.20 11.73
C GLU A 33 34.15 25.40 12.81
N ASN A 34 35.40 25.09 12.47
CA ASN A 34 36.57 25.35 13.31
C ASN A 34 36.62 24.46 14.55
N GLY A 35 36.04 23.26 14.48
CA GLY A 35 36.09 22.35 15.59
C GLY A 35 34.88 21.43 15.61
N PRO A 36 34.92 20.40 16.47
CA PRO A 36 33.80 19.46 16.51
C PRO A 36 32.69 19.84 17.48
N ASP A 37 33.06 20.53 18.56
CA ASP A 37 32.22 20.60 19.77
C ASP A 37 31.42 21.90 19.87
N CYS A 38 30.69 22.28 18.83
CA CYS A 38 29.68 23.31 19.03
C CYS A 38 28.58 22.77 19.92
N ALA A 39 27.92 23.68 20.64
CA ALA A 39 26.83 23.27 21.51
C ALA A 39 25.54 23.08 20.71
N GLY A 40 24.95 21.91 20.83
CA GLY A 40 23.70 21.62 20.15
C GLY A 40 23.85 20.55 19.10
N CYS A 41 22.91 20.55 18.15
CA CYS A 41 22.73 19.46 17.21
C CYS A 41 23.02 19.93 15.80
N ASN A 42 23.52 18.99 14.99
CA ASN A 42 23.81 19.25 13.58
C ASN A 42 22.72 18.76 12.65
N VAL A 43 21.76 17.99 13.14
CA VAL A 43 20.67 17.47 12.33
C VAL A 43 19.37 17.65 13.09
N GLU A 44 18.31 17.96 12.35
CA GLU A 44 16.96 17.98 12.89
C GLU A 44 16.07 17.21 11.92
N TYR A 45 15.02 16.60 12.47
CA TYR A 45 14.01 15.91 11.68
C TYR A 45 12.64 16.52 11.92
N GLN A 46 11.83 16.61 10.88
CA GLN A 46 10.43 16.95 11.01
C GLN A 46 9.62 16.01 10.13
N SER A 47 8.32 15.93 10.41
CA SER A 47 7.45 15.13 9.58
C SER A 47 7.11 15.88 8.30
N CYS A 48 6.79 15.12 7.25
CA CYS A 48 6.45 15.71 5.97
C CYS A 48 5.50 14.78 5.24
N ASN A 49 4.80 15.34 4.26
CA ASN A 49 3.88 14.60 3.40
C ASN A 49 2.95 13.70 4.22
N THR A 50 2.28 14.34 5.16
CA THR A 50 1.26 13.70 5.98
C THR A 50 -0.09 13.61 5.27
N ASN A 51 -0.20 14.13 4.06
CA ASN A 51 -1.38 13.87 3.25
C ASN A 51 -1.58 12.36 3.15
N PRO A 52 -2.77 11.84 3.45
CA PRO A 52 -2.98 10.39 3.37
C PRO A 52 -2.73 9.91 1.96
N CYS A 53 -2.24 8.68 1.85
CA CYS A 53 -2.05 8.09 0.54
C CYS A 53 -3.40 7.94 -0.15
N PRO A 54 -3.46 8.11 -1.47
CA PRO A 54 -4.72 7.92 -2.18
C PRO A 54 -5.12 6.46 -2.15
N GLU A 55 -6.40 6.22 -2.32
CA GLU A 55 -6.85 4.85 -2.52
C GLU A 55 -6.72 4.50 -3.99
N LEU A 56 -5.76 3.62 -4.31
CA LEU A 56 -5.57 3.16 -5.68
C LEU A 56 -6.42 1.93 -5.94
N LYS A 57 -7.00 1.85 -7.15
CA LYS A 57 -7.97 0.82 -7.48
C LYS A 57 -7.65 0.18 -8.82
N LYS A 58 -7.72 -1.15 -8.86
CA LYS A 58 -7.53 -1.93 -10.07
C LYS A 58 -8.69 -2.91 -10.16
N THR A 59 -9.30 -3.01 -11.33
CA THR A 59 -10.36 -3.99 -11.53
C THR A 59 -9.77 -5.38 -11.76
N THR A 60 -10.48 -6.40 -11.28
CA THR A 60 -10.17 -7.77 -11.68
C THR A 60 -10.65 -8.00 -13.11
N PRO A 61 -10.08 -8.98 -13.80
CA PRO A 61 -10.68 -9.44 -15.05
C PRO A 61 -12.13 -9.86 -14.82
N TRP A 62 -12.92 -9.79 -15.89
CA TRP A 62 -14.25 -10.40 -15.88
C TRP A 62 -14.13 -11.92 -15.83
N THR A 63 -15.05 -12.55 -15.10
CA THR A 63 -15.24 -13.98 -15.23
C THR A 63 -15.70 -14.30 -16.65
N PRO A 64 -15.72 -15.56 -17.06
CA PRO A 64 -16.36 -15.91 -18.33
C PRO A 64 -17.85 -15.62 -18.29
N TRP A 65 -18.45 -15.51 -19.48
CA TRP A 65 -19.89 -15.37 -19.56
C TRP A 65 -20.54 -16.70 -19.20
N THR A 66 -21.59 -16.65 -18.39
CA THR A 66 -22.27 -17.85 -17.94
C THR A 66 -23.78 -17.62 -18.06
N PRO A 67 -24.57 -18.66 -18.25
CA PRO A 67 -26.01 -18.43 -18.46
C PRO A 67 -26.75 -18.09 -17.18
N VAL A 68 -27.86 -17.36 -17.34
CA VAL A 68 -28.78 -17.09 -16.24
C VAL A 68 -30.10 -17.79 -16.56
N HIS A 76 -31.87 -16.91 -22.74
CA HIS A 76 -32.28 -15.51 -22.75
C HIS A 76 -31.12 -14.58 -22.34
N TYR A 77 -30.44 -14.84 -21.21
CA TYR A 77 -29.40 -13.94 -20.73
C TYR A 77 -28.17 -14.69 -20.27
N GLU A 78 -27.01 -14.05 -20.40
CA GLU A 78 -25.76 -14.48 -19.81
C GLU A 78 -25.25 -13.36 -18.91
N GLN A 79 -24.37 -13.74 -17.97
CA GLN A 79 -23.85 -12.80 -16.99
C GLN A 79 -22.37 -13.11 -16.72
N ARG A 80 -21.65 -12.07 -16.28
CA ARG A 80 -20.27 -12.21 -15.80
C ARG A 80 -20.03 -11.24 -14.64
N PHE A 81 -18.96 -11.47 -13.91
CA PHE A 81 -18.71 -10.79 -12.64
C PHE A 81 -17.30 -10.23 -12.61
N ARG A 82 -17.12 -9.16 -11.84
CA ARG A 82 -15.78 -8.70 -11.52
C ARG A 82 -15.81 -8.04 -10.16
N TYR A 83 -14.63 -7.75 -9.63
CA TYR A 83 -14.46 -7.00 -8.40
C TYR A 83 -13.45 -5.91 -8.66
N THR A 84 -13.23 -5.07 -7.67
CA THR A 84 -12.17 -4.07 -7.67
C THR A 84 -11.24 -4.39 -6.51
N CYS A 85 -9.93 -4.22 -6.71
CA CYS A 85 -8.94 -4.31 -5.65
C CYS A 85 -8.50 -2.90 -5.29
N LYS A 86 -8.50 -2.57 -3.99
CA LYS A 86 -8.23 -1.20 -3.52
C LYS A 86 -7.16 -1.20 -2.43
N ALA A 87 -6.16 -0.33 -2.56
CA ALA A 87 -5.15 -0.18 -1.51
C ALA A 87 -4.73 1.29 -1.36
N ARG A 88 -4.45 1.69 -0.12
CA ARG A 88 -3.85 3.01 0.17
C ARG A 88 -2.34 2.96 -0.07
N LEU A 89 -1.89 3.45 -1.22
CA LEU A 89 -0.53 3.30 -1.71
C LEU A 89 -0.09 4.60 -2.37
N ALA A 90 1.23 4.80 -2.40
CA ALA A 90 1.79 5.86 -3.23
C ALA A 90 1.99 5.44 -4.67
N ASP A 91 2.11 4.14 -4.95
CA ASP A 91 2.59 3.64 -6.23
C ASP A 91 1.67 2.53 -6.72
N PRO A 92 1.02 2.68 -7.88
CA PRO A 92 0.11 1.62 -8.36
C PRO A 92 0.78 0.29 -8.64
N ASN A 93 2.09 0.28 -8.90
CA ASN A 93 2.77 -0.97 -9.15
C ASN A 93 2.84 -1.87 -7.93
N LEU A 94 2.58 -1.34 -6.75
CA LEU A 94 2.55 -2.17 -5.55
C LEU A 94 1.20 -2.81 -5.31
N LEU A 95 0.21 -2.56 -6.17
CA LEU A 95 -1.09 -3.21 -6.08
C LEU A 95 -1.21 -4.15 -7.28
N GLU A 96 -1.65 -5.38 -7.02
CA GLU A 96 -1.74 -6.37 -8.09
C GLU A 96 -2.97 -7.26 -7.91
N VAL A 97 -3.60 -7.63 -9.02
CA VAL A 97 -4.70 -8.58 -8.99
C VAL A 97 -4.14 -9.97 -9.25
N GLY A 98 -4.47 -10.93 -8.38
CA GLY A 98 -3.97 -12.27 -8.52
C GLY A 98 -4.70 -13.04 -9.58
N ARG A 99 -4.31 -14.31 -9.73
CA ARG A 99 -4.87 -15.21 -10.75
C ARG A 99 -6.35 -15.50 -10.47
N GLN A 100 -7.11 -15.69 -11.53
CA GLN A 100 -8.49 -16.14 -11.36
C GLN A 100 -8.51 -17.55 -10.78
N ARG A 101 -9.40 -17.79 -9.81
CA ARG A 101 -9.62 -19.12 -9.24
C ARG A 101 -11.00 -19.61 -9.63
N ILE A 102 -11.11 -20.86 -10.06
CA ILE A 102 -12.41 -21.47 -10.34
C ILE A 102 -12.62 -22.61 -9.34
N GLU A 103 -13.74 -22.58 -8.63
CA GLU A 103 -14.15 -23.74 -7.86
C GLU A 103 -15.25 -24.47 -8.62
N MET A 104 -15.15 -25.79 -8.73
CA MET A 104 -16.14 -26.59 -9.44
C MET A 104 -16.62 -27.76 -8.60
N ARG A 105 -17.88 -28.14 -8.81
CA ARG A 105 -18.44 -29.33 -8.20
C ARG A 105 -19.59 -29.84 -9.07
N TYR A 106 -19.91 -31.13 -8.89
CA TYR A 106 -21.07 -31.73 -9.53
C TYR A 106 -22.36 -31.14 -8.96
N CYS A 107 -23.42 -31.08 -9.77
CA CYS A 107 -24.67 -30.59 -9.20
C CYS A 107 -25.86 -31.51 -9.48
N CYS A 115 -28.65 -27.63 -8.66
CA CYS A 115 -27.75 -26.92 -9.56
C CYS A 115 -28.16 -25.45 -9.74
N MET B 6 29.55 20.98 33.78
CA MET B 6 28.33 20.33 33.31
C MET B 6 28.67 19.06 32.52
N PHE B 7 27.71 18.13 32.42
CA PHE B 7 27.99 16.83 31.82
C PHE B 7 26.70 16.20 31.30
N TRP B 8 26.83 15.43 30.23
CA TRP B 8 25.70 14.67 29.69
C TRP B 8 25.37 13.49 30.59
N THR B 9 24.07 13.21 30.71
CA THR B 9 23.64 11.93 31.24
C THR B 9 23.79 10.86 30.15
N GLY B 10 23.63 9.61 30.56
CA GLY B 10 23.68 8.52 29.61
C GLY B 10 22.41 8.41 28.80
N TRP B 11 22.51 7.70 27.68
CA TRP B 11 21.36 7.57 26.79
C TRP B 11 20.26 6.74 27.43
N GLY B 12 19.02 7.09 27.11
CA GLY B 12 17.87 6.28 27.44
C GLY B 12 17.60 5.29 26.33
N PRO B 13 16.49 4.55 26.43
CA PRO B 13 16.16 3.56 25.39
C PRO B 13 15.93 4.23 24.05
N TRP B 14 15.79 3.40 23.01
CA TRP B 14 15.78 3.88 21.63
C TRP B 14 14.41 4.29 21.11
N GLU B 15 13.34 4.12 21.89
CA GLU B 15 12.01 4.64 21.53
C GLU B 15 11.45 4.11 20.20
N ARG B 16 10.27 4.59 19.84
CA ARG B 16 9.47 3.99 18.78
C ARG B 16 10.01 4.35 17.40
N CYS B 17 10.12 3.34 16.54
CA CYS B 17 10.48 3.58 15.15
C CYS B 17 9.35 4.29 14.42
N THR B 18 9.70 5.24 13.54
CA THR B 18 8.66 6.01 12.86
C THR B 18 7.90 5.22 11.82
N ALA B 19 8.35 4.02 11.48
CA ALA B 19 7.63 3.18 10.52
C ALA B 19 7.73 1.73 10.95
N GLN B 20 6.77 0.92 10.48
CA GLN B 20 6.73 -0.51 10.78
C GLN B 20 7.57 -1.32 9.82
N CYS B 21 7.71 -0.84 8.59
CA CYS B 21 8.55 -1.49 7.58
C CYS B 21 8.92 -0.43 6.56
N GLY B 22 9.91 -0.76 5.73
CA GLY B 22 10.35 0.15 4.68
C GLY B 22 11.23 1.30 5.13
N GLY B 23 11.78 1.24 6.34
CA GLY B 23 12.66 2.30 6.81
C GLY B 23 11.96 3.45 7.50
N GLY B 24 12.26 3.63 8.79
CA GLY B 24 11.86 4.79 9.57
C GLY B 24 13.02 5.19 10.46
N ILE B 25 12.83 6.06 11.45
CA ILE B 25 13.92 6.38 12.36
C ILE B 25 13.48 6.24 13.80
N GLN B 26 14.48 6.06 14.66
CA GLN B 26 14.38 6.01 16.11
C GLN B 26 15.19 7.14 16.70
N ALA B 27 14.83 7.55 17.91
CA ALA B 27 15.62 8.52 18.66
C ALA B 27 15.84 8.01 20.07
N ARG B 28 16.99 8.37 20.64
CA ARG B 28 17.22 8.25 22.08
C ARG B 28 17.71 9.60 22.58
N ARG B 29 17.50 9.86 23.87
CA ARG B 29 17.72 11.18 24.42
C ARG B 29 18.58 11.14 25.67
N ARG B 30 19.03 12.32 26.07
CA ARG B 30 19.86 12.49 27.26
C ARG B 30 19.71 13.93 27.74
N ILE B 31 20.20 14.18 28.95
CA ILE B 31 20.03 15.47 29.63
C ILE B 31 21.41 16.09 29.86
N CYS B 32 21.51 17.40 29.62
CA CYS B 32 22.70 18.17 29.98
C CYS B 32 22.55 18.64 31.42
N GLU B 33 23.31 18.03 32.32
CA GLU B 33 23.23 18.36 33.74
C GLU B 33 23.95 19.67 34.02
N ASN B 34 23.37 20.49 34.89
CA ASN B 34 23.99 21.70 35.42
C ASN B 34 24.37 22.71 34.34
N GLY B 35 23.68 22.70 33.21
CA GLY B 35 23.98 23.63 32.15
C GLY B 35 23.04 23.51 30.97
N PRO B 36 22.96 24.58 30.17
CA PRO B 36 22.13 24.54 28.96
C PRO B 36 22.88 24.06 27.72
N ASP B 37 24.19 23.86 27.80
CA ASP B 37 25.01 23.80 26.60
C ASP B 37 26.17 22.81 26.76
N CYS B 38 25.85 21.54 26.99
CA CYS B 38 26.86 20.51 26.88
C CYS B 38 27.28 20.36 25.43
N ALA B 39 28.52 19.92 25.22
CA ALA B 39 29.02 19.72 23.87
C ALA B 39 28.19 18.67 23.15
N GLY B 40 27.81 18.96 21.92
CA GLY B 40 27.01 18.03 21.17
C GLY B 40 25.52 18.14 21.49
N CYS B 41 24.82 17.05 21.19
CA CYS B 41 23.39 17.03 21.00
C CYS B 41 22.69 16.19 22.06
N ASN B 42 21.52 16.64 22.51
CA ASN B 42 20.78 15.90 23.53
C ASN B 42 20.02 14.70 22.96
N VAL B 43 19.99 14.52 21.64
CA VAL B 43 19.24 13.45 21.01
C VAL B 43 20.07 12.82 19.92
N GLU B 44 19.98 11.50 19.78
CA GLU B 44 20.66 10.75 18.74
C GLU B 44 19.63 9.91 18.00
N TYR B 45 19.82 9.77 16.69
CA TYR B 45 18.89 9.04 15.82
C TYR B 45 19.60 7.90 15.12
N GLN B 46 18.82 6.90 14.70
CA GLN B 46 19.34 5.78 13.93
C GLN B 46 18.23 5.20 13.07
N SER B 47 18.59 4.29 12.16
CA SER B 47 17.63 3.67 11.26
C SER B 47 17.02 2.41 11.90
N CYS B 48 15.77 2.14 11.54
CA CYS B 48 15.06 1.00 12.11
C CYS B 48 14.01 0.50 11.13
N ASN B 49 13.66 -0.78 11.29
CA ASN B 49 12.63 -1.44 10.49
C ASN B 49 12.84 -1.21 9.00
N THR B 50 14.08 -1.42 8.59
CA THR B 50 14.49 -1.21 7.21
C THR B 50 13.99 -2.31 6.27
N ASN B 51 13.48 -3.42 6.80
CA ASN B 51 12.99 -4.49 5.94
C ASN B 51 11.84 -3.98 5.07
N PRO B 52 11.76 -4.41 3.81
CA PRO B 52 10.66 -3.97 2.95
C PRO B 52 9.33 -4.51 3.44
N CYS B 53 8.27 -3.76 3.15
CA CYS B 53 6.96 -4.13 3.66
C CYS B 53 6.49 -5.42 2.99
N PRO B 54 5.67 -6.21 3.69
CA PRO B 54 5.24 -7.51 3.15
C PRO B 54 4.13 -7.36 2.11
N GLU B 55 4.00 -8.39 1.27
CA GLU B 55 2.87 -8.50 0.35
C GLU B 55 1.68 -9.08 1.10
N LEU B 56 0.68 -8.24 1.35
CA LEU B 56 -0.53 -8.69 2.02
C LEU B 56 -1.57 -9.06 0.98
N LYS B 57 -2.44 -10.00 1.34
CA LYS B 57 -3.44 -10.54 0.42
C LYS B 57 -4.81 -10.60 1.06
N LYS B 58 -5.83 -10.37 0.26
CA LYS B 58 -7.21 -10.65 0.62
C LYS B 58 -7.90 -11.25 -0.60
N THR B 59 -8.71 -12.29 -0.39
CA THR B 59 -9.46 -12.86 -1.50
C THR B 59 -10.81 -12.17 -1.64
N THR B 60 -11.26 -12.05 -2.87
CA THR B 60 -12.61 -11.58 -3.11
C THR B 60 -13.57 -12.65 -2.57
N PRO B 61 -14.82 -12.28 -2.34
CA PRO B 61 -15.84 -13.32 -2.14
C PRO B 61 -15.99 -14.14 -3.41
N TRP B 62 -16.48 -15.37 -3.25
CA TRP B 62 -16.88 -16.17 -4.39
C TRP B 62 -18.05 -15.53 -5.12
N THR B 63 -18.05 -15.60 -6.45
CA THR B 63 -19.26 -15.30 -7.21
C THR B 63 -20.29 -16.38 -6.90
N PRO B 64 -21.56 -16.19 -7.28
CA PRO B 64 -22.54 -17.27 -7.14
C PRO B 64 -22.21 -18.48 -8.02
N TRP B 65 -22.71 -19.64 -7.61
CA TRP B 65 -22.53 -20.84 -8.41
C TRP B 65 -23.29 -20.69 -9.71
N THR B 66 -22.70 -21.15 -10.82
CA THR B 66 -23.34 -21.09 -12.11
C THR B 66 -23.08 -22.38 -12.89
N PRO B 67 -24.04 -22.82 -13.70
CA PRO B 67 -23.88 -24.11 -14.37
C PRO B 67 -22.80 -24.07 -15.46
N VAL B 68 -22.24 -25.23 -15.76
CA VAL B 68 -21.10 -25.30 -16.68
C VAL B 68 -21.57 -25.67 -18.09
N ASN B 69 -22.66 -26.43 -18.18
CA ASN B 69 -23.23 -26.79 -19.48
C ASN B 69 -24.70 -26.43 -19.60
N HIS B 76 -23.24 -32.47 -15.86
CA HIS B 76 -23.80 -31.25 -15.27
C HIS B 76 -23.01 -30.86 -14.02
N TYR B 77 -22.25 -29.78 -14.13
CA TYR B 77 -21.40 -29.27 -13.06
C TYR B 77 -21.74 -27.80 -12.84
N GLU B 78 -21.34 -27.28 -11.70
CA GLU B 78 -21.45 -25.85 -11.47
C GLU B 78 -20.10 -25.32 -11.01
N GLN B 79 -19.87 -24.04 -11.29
CA GLN B 79 -18.61 -23.38 -11.00
C GLN B 79 -18.85 -22.00 -10.43
N ARG B 80 -17.90 -21.54 -9.60
CA ARG B 80 -17.88 -20.13 -9.18
C ARG B 80 -16.45 -19.63 -9.25
N PHE B 81 -16.27 -18.33 -9.10
CA PHE B 81 -14.97 -17.69 -9.32
C PHE B 81 -14.61 -16.76 -8.16
N ARG B 82 -13.30 -16.51 -8.00
CA ARG B 82 -12.80 -15.46 -7.11
C ARG B 82 -11.41 -15.03 -7.57
N TYR B 83 -10.91 -13.96 -6.95
CA TYR B 83 -9.55 -13.49 -7.19
C TYR B 83 -8.92 -13.13 -5.86
N THR B 84 -7.60 -12.92 -5.88
CA THR B 84 -6.90 -12.37 -4.74
C THR B 84 -6.47 -10.96 -5.06
N CYS B 85 -6.62 -10.05 -4.10
CA CYS B 85 -6.07 -8.71 -4.18
C CYS B 85 -4.80 -8.68 -3.35
N LYS B 86 -3.70 -8.20 -3.95
CA LYS B 86 -2.40 -8.22 -3.32
C LYS B 86 -1.79 -6.82 -3.32
N ALA B 87 -1.21 -6.44 -2.20
CA ALA B 87 -0.57 -5.14 -2.10
C ALA B 87 0.60 -5.22 -1.13
N ARG B 88 1.63 -4.43 -1.38
CA ARG B 88 2.79 -4.29 -0.49
C ARG B 88 2.48 -3.15 0.48
N LEU B 89 2.10 -3.50 1.70
CA LEU B 89 1.56 -2.57 2.67
C LEU B 89 2.07 -2.94 4.05
N ALA B 90 2.14 -1.94 4.92
CA ALA B 90 2.43 -2.20 6.33
C ALA B 90 1.21 -2.74 7.09
N ASP B 91 0.00 -2.34 6.70
CA ASP B 91 -1.19 -2.51 7.52
C ASP B 91 -2.26 -3.16 6.66
N PRO B 92 -2.81 -4.31 7.05
CA PRO B 92 -3.85 -4.95 6.22
C PRO B 92 -5.13 -4.16 6.10
N ASN B 93 -5.42 -3.24 7.04
CA ASN B 93 -6.61 -2.41 6.90
C ASN B 93 -6.54 -1.51 5.68
N LEU B 94 -5.35 -1.30 5.11
CA LEU B 94 -5.19 -0.44 3.96
C LEU B 94 -5.48 -1.16 2.65
N LEU B 95 -5.80 -2.45 2.71
CA LEU B 95 -6.15 -3.25 1.54
C LEU B 95 -7.60 -3.63 1.68
N GLU B 96 -8.35 -3.54 0.58
CA GLU B 96 -9.80 -3.78 0.62
C GLU B 96 -10.27 -4.30 -0.74
N VAL B 97 -11.27 -5.18 -0.70
CA VAL B 97 -11.95 -5.66 -1.90
C VAL B 97 -13.20 -4.81 -2.10
N GLY B 98 -13.37 -4.29 -3.32
CA GLY B 98 -14.54 -3.50 -3.63
C GLY B 98 -15.74 -4.38 -3.90
N ARG B 99 -16.80 -3.72 -4.35
CA ARG B 99 -18.07 -4.36 -4.61
C ARG B 99 -17.97 -5.34 -5.76
N GLN B 100 -18.86 -6.32 -5.76
CA GLN B 100 -19.05 -7.18 -6.91
C GLN B 100 -19.81 -6.42 -7.98
N ARG B 101 -19.31 -6.48 -9.22
CA ARG B 101 -19.96 -5.83 -10.35
C ARG B 101 -20.45 -6.91 -11.31
N ILE B 102 -21.67 -6.77 -11.79
CA ILE B 102 -22.30 -7.78 -12.66
C ILE B 102 -22.63 -7.14 -13.99
N GLU B 103 -22.22 -7.77 -15.07
CA GLU B 103 -22.70 -7.38 -16.39
C GLU B 103 -23.51 -8.52 -16.97
N MET B 104 -24.66 -8.20 -17.54
CA MET B 104 -25.47 -9.15 -18.29
C MET B 104 -25.57 -8.77 -19.77
N ARG B 105 -25.88 -9.77 -20.61
CA ARG B 105 -26.19 -9.50 -22.00
C ARG B 105 -27.40 -10.33 -22.41
N TYR B 106 -28.28 -9.72 -23.19
CA TYR B 106 -29.44 -10.39 -23.76
C TYR B 106 -29.03 -11.24 -24.95
N CYS B 107 -29.47 -12.50 -24.97
CA CYS B 107 -29.14 -13.42 -26.06
C CYS B 107 -30.25 -13.62 -27.07
N SER B 108 -31.33 -12.83 -26.99
CA SER B 108 -32.48 -12.88 -27.89
C SER B 108 -33.28 -14.15 -27.60
N SER B 109 -34.43 -14.30 -28.26
CA SER B 109 -35.26 -15.47 -28.00
C SER B 109 -34.64 -16.76 -28.54
N ASP B 110 -33.67 -16.68 -29.47
CA ASP B 110 -33.00 -17.91 -29.91
C ASP B 110 -31.91 -18.35 -28.95
N GLY B 111 -31.52 -17.51 -27.99
CA GLY B 111 -30.62 -17.92 -26.93
C GLY B 111 -29.14 -17.88 -27.24
N THR B 112 -28.75 -17.48 -28.46
CA THR B 112 -27.32 -17.44 -28.81
C THR B 112 -26.88 -16.19 -29.54
N SER B 113 -27.74 -15.52 -30.32
CA SER B 113 -27.29 -14.38 -31.14
C SER B 113 -26.81 -13.23 -30.27
N GLY B 114 -25.62 -12.72 -30.59
CA GLY B 114 -24.96 -11.74 -29.75
C GLY B 114 -24.26 -12.31 -28.54
N CYS B 115 -24.43 -13.60 -28.27
CA CYS B 115 -23.77 -14.23 -27.13
C CYS B 115 -22.78 -15.22 -27.72
N SER B 116 -23.11 -16.51 -27.85
CA SER B 116 -22.13 -17.44 -28.39
C SER B 116 -22.09 -17.46 -29.92
N THR B 117 -23.06 -16.86 -30.59
CA THR B 117 -23.09 -16.87 -32.05
C THR B 117 -23.27 -15.45 -32.56
N GLY B 118 -22.74 -15.19 -33.75
CA GLY B 118 -22.99 -13.97 -34.47
C GLY B 118 -24.22 -14.09 -35.36
N THR B 119 -24.45 -13.04 -36.13
CA THR B 119 -25.64 -13.01 -36.96
C THR B 119 -25.46 -13.93 -38.16
N LEU B 120 -26.49 -14.73 -38.43
CA LEU B 120 -26.46 -15.68 -39.53
C LEU B 120 -26.46 -14.98 -40.88
N GLU B 121 -25.64 -15.47 -41.81
CA GLU B 121 -25.66 -15.01 -43.20
C GLU B 121 -26.15 -16.12 -44.11
N VAL B 122 -27.04 -15.79 -45.03
CA VAL B 122 -27.62 -16.77 -45.94
C VAL B 122 -27.44 -16.26 -47.36
N LEU B 123 -26.78 -17.05 -48.21
CA LEU B 123 -26.58 -16.70 -49.62
C LEU B 123 -27.69 -17.32 -50.48
N PHE B 124 -28.45 -16.46 -51.13
CA PHE B 124 -29.42 -16.89 -52.12
C PHE B 124 -28.88 -16.58 -53.52
S SO4 C . -2.47 -16.08 -6.90
O1 SO4 C . -2.19 -15.37 -8.15
O2 SO4 C . -1.23 -16.60 -6.35
O3 SO4 C . -3.05 -15.17 -5.92
O4 SO4 C . -3.40 -17.18 -7.18
C1 MAN D . 25.37 26.79 17.13
C2 MAN D . 26.38 27.15 18.22
C3 MAN D . 25.83 28.25 19.12
C4 MAN D . 24.44 27.89 19.65
C5 MAN D . 23.51 27.47 18.51
C6 MAN D . 23.15 28.59 17.55
O2 MAN D . 27.59 27.60 17.61
O3 MAN D . 25.82 29.50 18.43
O4 MAN D . 24.54 26.83 20.58
O5 MAN D . 24.12 26.43 17.73
O6 MAN D . 22.23 28.15 16.56
C1 MAN E . 18.55 27.07 11.74
C2 MAN E . 19.62 27.98 12.31
C3 MAN E . 19.06 29.38 12.55
C4 MAN E . 17.79 29.31 13.39
C5 MAN E . 16.78 28.32 12.79
C6 MAN E . 16.22 28.75 11.46
O2 MAN E . 20.72 28.06 11.41
O3 MAN E . 18.85 30.07 11.33
O4 MAN E . 18.11 28.87 14.71
O5 MAN E . 17.41 27.04 12.61
O6 MAN E . 15.43 27.72 10.85
S SO4 F . -16.37 -0.07 -5.39
O1 SO4 F . -15.49 1.09 -5.64
O2 SO4 F . -16.11 -1.07 -6.41
O3 SO4 F . -17.79 0.29 -5.47
O4 SO4 F . -16.09 -0.62 -4.09
C1 MAN G . 28.44 15.14 26.49
C2 MAN G . 29.45 16.24 26.77
C3 MAN G . 30.87 15.71 26.56
C4 MAN G . 31.01 15.06 25.18
C5 MAN G . 29.90 14.04 24.93
C6 MAN G . 30.00 12.80 25.78
O2 MAN G . 29.30 16.73 28.09
O3 MAN G . 31.23 14.82 27.62
O4 MAN G . 30.98 16.04 24.16
O5 MAN G . 28.62 14.64 25.16
O6 MAN G . 29.22 11.73 25.25
C1 MAN H . 24.96 6.38 24.93
C2 MAN H . 26.14 6.98 25.68
C3 MAN H . 27.14 5.88 26.04
C4 MAN H . 27.56 5.10 24.79
C5 MAN H . 26.34 4.64 23.99
C6 MAN H . 25.56 3.51 24.64
O2 MAN H . 25.70 7.67 26.84
O3 MAN H . 26.61 5.01 27.03
O4 MAN H . 28.38 5.92 23.97
O5 MAN H . 25.42 5.72 23.76
O6 MAN H . 24.56 2.99 23.76
#